data_1JVJ
#
_entry.id   1JVJ
#
_cell.length_a   41.303
_cell.length_b   61.685
_cell.length_c   89.139
_cell.angle_alpha   90.00
_cell.angle_beta   90.00
_cell.angle_gamma   90.00
#
_symmetry.space_group_name_H-M   'P 21 21 21'
#
loop_
_entity.id
_entity.type
_entity.pdbx_description
1 polymer 'BETA-LACTAMASE TEM'
2 non-polymer 'POTASSIUM ION'
3 non-polymer '(5R)-5-[(1S,2R)-1-formyl-2-hydroxypropyl]-3-[(2-{[(E)-iminomethyl]amino}ethyl)sulfanyl]-4,5-dihydro-1H-pyrrole-2-carbox ylic acid'
4 water water
#
_entity_poly.entity_id   1
_entity_poly.type   'polypeptide(L)'
_entity_poly.pdbx_seq_one_letter_code
;HPETLVKVKDAEDQLGARVGYIELDLNSGKILESFRPEERFPMMSTFKVLLCGAVLSRVDAGQEQLGRRIHYSQNDLVEY
SPVTEKHLTDGMTVRELCSAAITMSDATAANLLLTTIGGPKELTAFLHNMGDHVTRLDRWEPELNEAIPNDERDTTMPAA
MATTLRKLLTGELLTLASRQQLIDWMEADKVAGPLLRSALPAGWFIADKSGAGERGSRGIIAALGPDGKPSRIVVIYTTG
SQATMDERNRQIAEIGASLIKHW
;
_entity_poly.pdbx_strand_id   A
#
loop_
_chem_comp.id
_chem_comp.type
_chem_comp.name
_chem_comp.formula
IM2 non-polymer '(5R)-5-[(1S,2R)-1-formyl-2-hydroxypropyl]-3-[(2-{[(E)-iminomethyl]amino}ethyl)sulfanyl]-4,5-dihydro-1H-pyrrole-2-carbox ylic acid' 'C12 H19 N3 O4 S'
K non-polymer 'POTASSIUM ION' 'K 1'
#
# COMPACT_ATOMS: atom_id res chain seq x y z
N HIS A 1 4.85 -21.25 -5.82
CA HIS A 1 5.87 -22.33 -6.06
C HIS A 1 6.97 -22.21 -5.01
N PRO A 2 7.45 -23.35 -4.48
CA PRO A 2 8.52 -23.29 -3.48
C PRO A 2 9.81 -22.61 -3.93
N GLU A 3 10.07 -22.58 -5.23
CA GLU A 3 11.27 -21.88 -5.70
C GLU A 3 11.23 -20.40 -5.34
N THR A 4 10.02 -19.82 -5.22
CA THR A 4 9.92 -18.41 -4.85
C THR A 4 10.23 -18.28 -3.35
N LEU A 5 9.93 -19.32 -2.57
CA LEU A 5 10.24 -19.26 -1.14
C LEU A 5 11.75 -19.32 -0.96
N VAL A 6 12.45 -19.95 -1.90
CA VAL A 6 13.91 -20.01 -1.85
C VAL A 6 14.42 -18.56 -1.92
N LYS A 7 13.87 -17.79 -2.85
CA LYS A 7 14.26 -16.39 -3.01
C LYS A 7 13.86 -15.52 -1.81
N VAL A 8 12.67 -15.77 -1.26
CA VAL A 8 12.23 -14.98 -0.11
C VAL A 8 13.13 -15.23 1.10
N LYS A 9 13.46 -16.48 1.38
CA LYS A 9 14.32 -16.73 2.52
C LYS A 9 15.74 -16.21 2.22
N ASP A 10 16.16 -16.26 0.95
CA ASP A 10 17.48 -15.75 0.56
C ASP A 10 17.47 -14.23 0.80
N ALA A 11 16.34 -13.58 0.50
CA ALA A 11 16.24 -12.13 0.73
C ALA A 11 16.46 -11.82 2.22
N GLU A 12 15.85 -12.63 3.10
CA GLU A 12 16.04 -12.41 4.54
C GLU A 12 17.53 -12.48 4.84
N ASP A 13 18.17 -13.49 4.28
CA ASP A 13 19.59 -13.68 4.50
C ASP A 13 20.39 -12.50 3.99
N GLN A 14 20.16 -12.12 2.74
CA GLN A 14 20.89 -11.00 2.14
C GLN A 14 20.67 -9.69 2.89
N LEU A 15 19.46 -9.49 3.40
CA LEU A 15 19.11 -8.25 4.11
C LEU A 15 19.32 -8.27 5.62
N GLY A 16 19.60 -9.45 6.17
CA GLY A 16 19.78 -9.54 7.62
C GLY A 16 18.55 -9.01 8.31
N ALA A 17 17.38 -9.31 7.76
CA ALA A 17 16.16 -8.83 8.36
C ALA A 17 14.96 -9.70 7.97
N ARG A 18 13.86 -9.54 8.72
CA ARG A 18 12.63 -10.29 8.48
C ARG A 18 11.95 -9.89 7.19
N VAL A 19 11.47 -10.87 6.45
CA VAL A 19 10.72 -10.60 5.23
C VAL A 19 9.37 -11.32 5.38
N GLY A 20 8.29 -10.63 5.09
CA GLY A 20 6.95 -11.20 5.19
C GLY A 20 6.45 -11.29 3.76
N TYR A 21 5.77 -12.38 3.41
CA TYR A 21 5.35 -12.59 2.03
C TYR A 21 4.09 -13.39 1.89
N ILE A 22 3.26 -13.00 0.94
CA ILE A 22 2.11 -13.80 0.63
C ILE A 22 1.67 -13.59 -0.80
N GLU A 23 1.26 -14.69 -1.44
CA GLU A 23 0.75 -14.68 -2.81
C GLU A 23 -0.65 -15.27 -2.69
N LEU A 24 -1.66 -14.51 -3.07
CA LEU A 24 -3.06 -14.93 -2.94
C LEU A 24 -3.79 -14.99 -4.26
N ASP A 25 -4.67 -15.97 -4.45
CA ASP A 25 -5.44 -16.04 -5.68
C ASP A 25 -6.52 -14.97 -5.53
N LEU A 26 -6.60 -14.05 -6.48
CA LEU A 26 -7.57 -12.95 -6.38
C LEU A 26 -9.03 -13.38 -6.40
N ASN A 27 -9.34 -14.35 -7.26
CA ASN A 27 -10.72 -14.83 -7.40
C ASN A 27 -11.18 -15.71 -6.22
N SER A 28 -10.35 -16.68 -5.86
CA SER A 28 -10.72 -17.62 -4.79
C SER A 28 -10.31 -17.24 -3.38
N GLY A 29 -9.31 -16.38 -3.25
CA GLY A 29 -8.83 -16.02 -1.93
C GLY A 29 -7.84 -17.05 -1.40
N LYS A 30 -7.49 -18.05 -2.20
CA LYS A 30 -6.58 -19.08 -1.74
C LYS A 30 -5.16 -18.59 -1.58
N ILE A 31 -4.54 -18.93 -0.44
CA ILE A 31 -3.15 -18.57 -0.20
C ILE A 31 -2.33 -19.59 -0.97
N LEU A 32 -1.61 -19.11 -1.98
CA LEU A 32 -0.79 -19.96 -2.82
C LEU A 32 0.60 -20.22 -2.24
N GLU A 33 1.15 -19.23 -1.56
CA GLU A 33 2.49 -19.37 -1.00
C GLU A 33 2.62 -18.30 0.06
N SER A 34 3.42 -18.54 1.09
CA SER A 34 3.58 -17.52 2.12
C SER A 34 4.83 -17.72 2.97
N PHE A 35 5.23 -16.64 3.63
CA PHE A 35 6.36 -16.67 4.57
C PHE A 35 6.06 -15.61 5.62
N ARG A 36 6.04 -16.04 6.89
CA ARG A 36 5.70 -15.17 8.03
C ARG A 36 4.42 -14.41 7.71
N PRO A 37 3.41 -15.11 7.15
CA PRO A 37 2.13 -14.46 6.80
C PRO A 37 1.36 -13.83 7.93
N GLU A 38 1.58 -14.30 9.15
CA GLU A 38 0.85 -13.78 10.29
C GLU A 38 1.71 -13.09 11.34
N GLU A 39 2.79 -12.47 10.88
CA GLU A 39 3.65 -11.70 11.76
C GLU A 39 3.35 -10.26 11.37
N ARG A 40 3.51 -9.35 12.32
CA ARG A 40 3.23 -7.95 12.05
C ARG A 40 4.44 -7.20 11.46
N PHE A 41 4.15 -6.28 10.55
CA PHE A 41 5.16 -5.45 9.90
C PHE A 41 4.56 -4.07 9.77
N PRO A 42 5.40 -3.02 9.79
CA PRO A 42 4.85 -1.66 9.65
C PRO A 42 4.28 -1.51 8.24
N MET A 43 3.10 -0.93 8.08
CA MET A 43 2.53 -0.73 6.75
C MET A 43 3.20 0.36 5.95
N MET A 44 3.70 1.39 6.64
CA MET A 44 4.29 2.55 5.97
C MET A 44 3.24 3.05 4.96
N SER A 45 3.67 3.57 3.81
CA SER A 45 2.73 4.12 2.82
C SER A 45 1.70 3.17 2.22
N THR A 46 1.83 1.86 2.43
CA THR A 46 0.84 0.99 1.84
C THR A 46 -0.53 1.24 2.48
N PHE A 47 -0.56 1.94 3.62
CA PHE A 47 -1.86 2.23 4.24
C PHE A 47 -2.66 3.20 3.38
N LYS A 48 -1.98 3.96 2.52
CA LYS A 48 -2.69 4.94 1.69
C LYS A 48 -3.76 4.33 0.79
N VAL A 49 -3.59 3.06 0.41
CA VAL A 49 -4.58 2.40 -0.41
C VAL A 49 -5.79 2.18 0.45
N LEU A 50 -5.58 1.74 1.69
CA LEU A 50 -6.69 1.47 2.61
C LEU A 50 -7.44 2.76 2.92
N LEU A 51 -6.67 3.84 3.08
CA LEU A 51 -7.22 5.16 3.36
C LEU A 51 -8.13 5.60 2.23
N CYS A 52 -7.68 5.50 0.98
CA CYS A 52 -8.53 5.93 -0.14
C CYS A 52 -9.71 4.98 -0.34
N GLY A 53 -9.57 3.74 0.15
CA GLY A 53 -10.67 2.79 0.07
C GLY A 53 -11.76 3.33 0.97
N ALA A 54 -11.37 3.79 2.17
CA ALA A 54 -12.33 4.33 3.14
C ALA A 54 -12.95 5.60 2.61
N VAL A 55 -12.14 6.41 1.93
CA VAL A 55 -12.66 7.65 1.36
C VAL A 55 -13.74 7.33 0.31
N LEU A 56 -13.44 6.38 -0.56
CA LEU A 56 -14.38 5.97 -1.59
C LEU A 56 -15.64 5.35 -1.01
N SER A 57 -15.52 4.71 0.15
CA SER A 57 -16.68 4.12 0.80
C SER A 57 -17.61 5.24 1.24
N ARG A 58 -17.00 6.33 1.71
CA ARG A 58 -17.73 7.51 2.13
C ARG A 58 -18.39 8.15 0.91
N VAL A 59 -17.65 8.23 -0.20
CA VAL A 59 -18.21 8.79 -1.43
C VAL A 59 -19.46 7.98 -1.84
N ASP A 60 -19.35 6.66 -1.81
CA ASP A 60 -20.48 5.79 -2.15
C ASP A 60 -21.67 6.07 -1.25
N ALA A 61 -21.41 6.24 0.04
CA ALA A 61 -22.48 6.49 1.01
C ALA A 61 -23.01 7.92 0.97
N GLY A 62 -22.46 8.74 0.08
CA GLY A 62 -22.90 10.13 -0.03
C GLY A 62 -22.37 11.02 1.10
N GLN A 63 -21.28 10.60 1.73
CA GLN A 63 -20.70 11.36 2.85
C GLN A 63 -19.44 12.13 2.45
N GLU A 64 -19.04 11.99 1.19
CA GLU A 64 -17.86 12.66 0.64
C GLU A 64 -18.07 12.80 -0.86
N GLN A 65 -17.34 13.71 -1.47
CA GLN A 65 -17.42 13.94 -2.91
C GLN A 65 -15.99 14.00 -3.45
N LEU A 66 -15.73 13.29 -4.54
CA LEU A 66 -14.37 13.31 -5.07
C LEU A 66 -13.95 14.71 -5.53
N GLY A 67 -14.92 15.53 -5.91
CA GLY A 67 -14.60 16.86 -6.38
C GLY A 67 -14.51 17.91 -5.27
N ARG A 68 -14.75 17.52 -4.03
CA ARG A 68 -14.67 18.50 -2.97
C ARG A 68 -13.24 19.03 -2.86
N ARG A 69 -13.10 20.34 -2.75
CA ARG A 69 -11.78 20.94 -2.67
C ARG A 69 -11.31 21.16 -1.24
N ILE A 70 -10.08 20.75 -0.96
CA ILE A 70 -9.51 20.95 0.36
C ILE A 70 -8.39 21.97 0.29
N HIS A 71 -8.48 23.00 1.12
CA HIS A 71 -7.45 24.06 1.17
C HIS A 71 -6.53 23.85 2.34
N TYR A 72 -5.23 23.96 2.12
CA TYR A 72 -4.26 23.76 3.17
C TYR A 72 -3.14 24.79 3.07
N SER A 73 -2.22 24.77 4.03
CA SER A 73 -1.15 25.76 4.05
C SER A 73 0.22 25.16 4.27
N GLN A 74 1.24 26.02 4.25
N GLN A 74 1.23 26.02 4.27
CA GLN A 74 2.61 25.58 4.47
CA GLN A 74 2.61 25.58 4.46
C GLN A 74 2.68 24.84 5.80
C GLN A 74 2.82 24.74 5.70
N ASN A 75 1.87 25.29 6.75
N ASN A 75 2.26 25.14 6.84
CA ASN A 75 1.80 24.71 8.09
CA ASN A 75 2.48 24.36 8.05
C ASN A 75 1.52 23.21 8.09
C ASN A 75 1.83 22.97 8.01
N ASP A 76 0.74 22.78 7.11
N ASP A 76 0.92 22.72 7.07
CA ASP A 76 0.32 21.40 6.95
C ASP A 76 1.34 20.47 6.28
N LEU A 77 2.30 21.03 5.56
CA LEU A 77 3.23 20.18 4.83
C LEU A 77 4.20 19.39 5.69
N VAL A 78 4.27 18.09 5.42
CA VAL A 78 5.20 17.24 6.14
C VAL A 78 6.20 16.75 5.13
N GLU A 79 7.18 16.00 5.62
CA GLU A 79 8.21 15.45 4.79
C GLU A 79 7.62 14.62 3.66
N TYR A 80 8.18 14.85 2.49
CA TYR A 80 7.84 14.21 1.21
C TYR A 80 6.41 14.51 0.77
N SER A 81 6.27 15.70 0.20
CA SER A 81 5.01 16.19 -0.32
C SER A 81 5.28 16.77 -1.70
N PRO A 82 5.80 15.94 -2.61
CA PRO A 82 6.13 16.36 -3.99
C PRO A 82 4.97 16.97 -4.77
N VAL A 83 3.74 16.56 -4.48
CA VAL A 83 2.61 17.11 -5.20
C VAL A 83 1.92 18.20 -4.38
N THR A 84 1.60 17.90 -3.13
CA THR A 84 0.91 18.91 -2.34
C THR A 84 1.70 20.20 -2.15
N GLU A 85 3.03 20.14 -2.18
CA GLU A 85 3.79 21.38 -2.00
C GLU A 85 3.60 22.35 -3.17
N LYS A 86 3.10 21.86 -4.30
CA LYS A 86 2.88 22.72 -5.48
C LYS A 86 1.48 23.31 -5.58
N HIS A 87 0.59 22.97 -4.64
CA HIS A 87 -0.78 23.44 -4.70
C HIS A 87 -1.28 24.19 -3.46
N LEU A 88 -0.39 24.89 -2.79
CA LEU A 88 -0.76 25.63 -1.60
C LEU A 88 -1.75 26.76 -1.85
N THR A 89 -1.63 27.39 -3.00
CA THR A 89 -2.50 28.50 -3.31
C THR A 89 -3.96 28.16 -3.50
N ASP A 90 -4.24 27.21 -4.40
CA ASP A 90 -5.61 26.87 -4.70
C ASP A 90 -6.14 25.55 -4.19
N GLY A 91 -5.33 24.82 -3.44
CA GLY A 91 -5.79 23.56 -2.88
C GLY A 91 -5.87 22.42 -3.85
N MET A 92 -6.41 21.30 -3.38
CA MET A 92 -6.55 20.10 -4.20
C MET A 92 -7.85 19.41 -3.87
N THR A 93 -8.43 18.72 -4.84
CA THR A 93 -9.68 18.01 -4.58
C THR A 93 -9.38 16.65 -3.98
N VAL A 94 -10.41 16.03 -3.42
CA VAL A 94 -10.25 14.72 -2.83
C VAL A 94 -9.67 13.73 -3.83
N ARG A 95 -10.20 13.72 -5.05
CA ARG A 95 -9.72 12.84 -6.11
C ARG A 95 -8.24 13.10 -6.35
N GLU A 96 -7.87 14.38 -6.46
CA GLU A 96 -6.47 14.74 -6.69
C GLU A 96 -5.57 14.32 -5.51
N LEU A 97 -6.11 14.38 -4.29
CA LEU A 97 -5.32 13.97 -3.13
C LEU A 97 -5.07 12.44 -3.13
N CYS A 98 -6.08 11.65 -3.46
CA CYS A 98 -5.87 10.21 -3.50
C CYS A 98 -4.93 9.87 -4.64
N SER A 99 -5.04 10.58 -5.77
CA SER A 99 -4.14 10.30 -6.88
C SER A 99 -2.70 10.57 -6.42
N ALA A 100 -2.52 11.69 -5.70
CA ALA A 100 -1.19 12.03 -5.19
C ALA A 100 -0.68 11.04 -4.12
N ALA A 101 -1.55 10.66 -3.19
CA ALA A 101 -1.21 9.74 -2.11
C ALA A 101 -0.82 8.37 -2.60
N ILE A 102 -1.46 7.91 -3.68
CA ILE A 102 -1.18 6.59 -4.23
C ILE A 102 -0.14 6.53 -5.35
N THR A 103 -0.23 7.42 -6.32
N THR A 103 -0.25 7.44 -6.32
CA THR A 103 0.73 7.37 -7.41
CA THR A 103 0.69 7.44 -7.43
C THR A 103 2.10 7.97 -7.10
C THR A 103 2.08 7.96 -7.09
N MET A 104 2.14 9.01 -6.28
CA MET A 104 3.40 9.65 -5.89
C MET A 104 3.75 9.38 -4.43
N SER A 105 2.82 8.77 -3.69
CA SER A 105 2.99 8.49 -2.27
C SER A 105 3.21 9.77 -1.46
N ASP A 106 2.50 10.83 -1.86
CA ASP A 106 2.59 12.11 -1.17
C ASP A 106 2.13 11.94 0.29
N ALA A 107 2.97 12.35 1.25
CA ALA A 107 2.61 12.21 2.68
C ALA A 107 1.58 13.22 3.17
N THR A 108 1.73 14.49 2.78
CA THR A 108 0.75 15.48 3.21
C THR A 108 -0.62 15.11 2.67
N ALA A 109 -0.67 14.63 1.43
CA ALA A 109 -1.95 14.26 0.86
C ALA A 109 -2.62 13.22 1.75
N ALA A 110 -1.84 12.27 2.23
CA ALA A 110 -2.39 11.23 3.08
C ALA A 110 -2.92 11.84 4.37
N ASN A 111 -2.18 12.76 4.96
CA ASN A 111 -2.68 13.40 6.18
C ASN A 111 -3.97 14.17 5.93
N LEU A 112 -4.07 14.89 4.81
CA LEU A 112 -5.29 15.65 4.54
C LEU A 112 -6.48 14.70 4.39
N LEU A 113 -6.26 13.58 3.71
CA LEU A 113 -7.31 12.59 3.51
C LEU A 113 -7.70 11.94 4.84
N LEU A 114 -6.70 11.64 5.66
CA LEU A 114 -6.99 11.05 6.97
C LEU A 114 -7.89 11.98 7.77
N THR A 115 -7.61 13.28 7.67
CA THR A 115 -8.43 14.23 8.41
C THR A 115 -9.89 14.20 7.95
N THR A 116 -10.13 13.98 6.66
CA THR A 116 -11.51 13.97 6.18
C THR A 116 -12.33 12.79 6.70
N ILE A 117 -11.68 11.68 7.04
CA ILE A 117 -12.44 10.54 7.51
C ILE A 117 -12.48 10.43 9.04
N GLY A 118 -11.80 11.34 9.72
CA GLY A 118 -11.81 11.29 11.18
C GLY A 118 -10.54 10.80 11.82
N GLY A 119 -9.49 10.66 11.02
CA GLY A 119 -8.20 10.23 11.56
C GLY A 119 -7.95 8.74 11.63
N PRO A 120 -6.77 8.33 12.15
CA PRO A 120 -6.38 6.92 12.29
C PRO A 120 -7.41 6.01 12.96
N LYS A 121 -8.08 6.51 13.98
CA LYS A 121 -9.05 5.68 14.69
C LYS A 121 -10.20 5.28 13.80
N GLU A 122 -10.58 6.17 12.90
CA GLU A 122 -11.68 5.87 11.98
C GLU A 122 -11.24 4.97 10.86
N LEU A 123 -10.00 5.09 10.43
CA LEU A 123 -9.56 4.19 9.35
C LEU A 123 -9.53 2.80 9.98
N THR A 124 -9.05 2.70 11.21
CA THR A 124 -8.95 1.40 11.87
C THR A 124 -10.36 0.84 12.09
N ALA A 125 -11.30 1.69 12.46
CA ALA A 125 -12.66 1.23 12.66
C ALA A 125 -13.24 0.74 11.33
N PHE A 126 -12.84 1.38 10.24
CA PHE A 126 -13.32 1.00 8.90
C PHE A 126 -12.80 -0.39 8.57
N LEU A 127 -11.52 -0.60 8.86
CA LEU A 127 -10.91 -1.90 8.59
C LEU A 127 -11.58 -2.99 9.43
N HIS A 128 -11.75 -2.72 10.72
CA HIS A 128 -12.35 -3.74 11.58
C HIS A 128 -13.75 -4.09 11.07
N ASN A 129 -14.50 -3.05 10.69
CA ASN A 129 -15.84 -3.21 10.20
C ASN A 129 -15.90 -4.03 8.89
N MET A 130 -14.81 -4.02 8.12
CA MET A 130 -14.81 -4.79 6.89
C MET A 130 -14.20 -6.19 7.09
N GLY A 131 -13.96 -6.58 8.34
CA GLY A 131 -13.44 -7.92 8.57
C GLY A 131 -11.95 -8.07 8.82
N ASP A 132 -11.22 -6.95 8.83
CA ASP A 132 -9.77 -6.97 9.08
C ASP A 132 -9.61 -6.57 10.55
N HIS A 133 -9.37 -7.58 11.39
CA HIS A 133 -9.22 -7.37 12.82
C HIS A 133 -7.76 -7.28 13.22
N VAL A 134 -6.89 -7.09 12.24
CA VAL A 134 -5.45 -7.04 12.50
C VAL A 134 -4.82 -5.70 12.15
N THR A 135 -5.04 -5.25 10.93
CA THR A 135 -4.43 -4.00 10.47
C THR A 135 -4.89 -2.82 11.30
N ARG A 136 -3.94 -2.00 11.74
CA ARG A 136 -4.28 -0.82 12.53
C ARG A 136 -3.44 0.40 12.21
N LEU A 137 -4.08 1.56 12.09
CA LEU A 137 -3.32 2.80 11.90
C LEU A 137 -3.54 3.51 13.21
N ASP A 138 -2.46 4.04 13.77
CA ASP A 138 -2.51 4.69 15.06
C ASP A 138 -2.01 6.12 15.02
N ARG A 139 -1.14 6.41 14.06
CA ARG A 139 -0.55 7.73 13.92
C ARG A 139 -0.68 8.34 12.56
N TRP A 140 -0.17 9.56 12.43
CA TRP A 140 -0.23 10.31 11.19
C TRP A 140 1.15 10.37 10.55
N GLU A 141 1.23 10.93 9.35
CA GLU A 141 2.55 11.12 8.73
C GLU A 141 3.18 12.26 9.55
N PRO A 142 4.48 12.16 9.86
CA PRO A 142 5.42 11.09 9.53
C PRO A 142 5.60 9.99 10.57
N GLU A 143 5.11 10.21 11.79
CA GLU A 143 5.34 9.23 12.85
C GLU A 143 4.92 7.78 12.58
N LEU A 144 3.90 7.58 11.78
CA LEU A 144 3.44 6.20 11.52
C LEU A 144 4.52 5.33 10.87
N ASN A 145 5.57 5.96 10.37
CA ASN A 145 6.66 5.21 9.72
C ASN A 145 7.81 4.86 10.65
N GLU A 146 7.68 5.14 11.94
CA GLU A 146 8.78 4.87 12.89
C GLU A 146 9.36 3.45 12.90
N ALA A 147 8.52 2.46 12.64
CA ALA A 147 8.97 1.07 12.58
C ALA A 147 9.72 0.59 13.82
N ILE A 148 9.21 0.95 14.98
CA ILE A 148 9.84 0.52 16.22
C ILE A 148 9.69 -1.00 16.36
N PRO A 149 10.81 -1.70 16.62
CA PRO A 149 10.77 -3.15 16.78
C PRO A 149 9.73 -3.58 17.82
N ASN A 150 8.92 -4.58 17.46
CA ASN A 150 7.88 -5.12 18.36
C ASN A 150 6.72 -4.19 18.69
N ASP A 151 6.65 -3.04 18.04
CA ASP A 151 5.57 -2.09 18.29
C ASP A 151 4.43 -2.51 17.34
N GLU A 152 3.20 -2.62 17.84
CA GLU A 152 2.08 -3.01 17.00
C GLU A 152 1.37 -1.82 16.33
N ARG A 153 1.75 -0.60 16.73
CA ARG A 153 1.15 0.59 16.13
C ARG A 153 1.44 0.61 14.63
N ASP A 154 0.45 1.03 13.84
CA ASP A 154 0.59 1.18 12.39
C ASP A 154 1.12 -0.05 11.67
N THR A 155 0.67 -1.23 12.09
CA THR A 155 1.13 -2.45 11.43
C THR A 155 0.00 -3.24 10.79
N THR A 156 0.39 -4.22 9.97
CA THR A 156 -0.55 -5.16 9.35
C THR A 156 0.23 -6.46 9.35
N MET A 157 -0.40 -7.52 8.83
CA MET A 157 0.27 -8.82 8.66
C MET A 157 0.14 -9.05 7.15
N PRO A 158 1.06 -9.79 6.54
CA PRO A 158 0.91 -10.01 5.09
C PRO A 158 -0.45 -10.63 4.70
N ALA A 159 -0.89 -11.66 5.42
CA ALA A 159 -2.17 -12.31 5.13
C ALA A 159 -3.35 -11.35 5.29
N ALA A 160 -3.34 -10.54 6.34
CA ALA A 160 -4.42 -9.58 6.59
C ALA A 160 -4.49 -8.51 5.51
N MET A 161 -3.35 -7.95 5.16
CA MET A 161 -3.33 -6.93 4.13
C MET A 161 -3.75 -7.51 2.78
N ALA A 162 -3.31 -8.72 2.49
CA ALA A 162 -3.65 -9.34 1.20
C ALA A 162 -5.15 -9.57 1.13
N THR A 163 -5.71 -10.07 2.22
CA THR A 163 -7.15 -10.33 2.29
C THR A 163 -7.95 -9.04 2.16
N THR A 164 -7.45 -7.97 2.79
CA THR A 164 -8.13 -6.69 2.74
C THR A 164 -8.08 -6.08 1.34
N LEU A 165 -6.93 -6.19 0.69
CA LEU A 165 -6.82 -5.65 -0.66
C LEU A 165 -7.78 -6.45 -1.56
N ARG A 166 -7.83 -7.77 -1.36
CA ARG A 166 -8.75 -8.56 -2.20
C ARG A 166 -10.19 -8.06 -2.03
N LYS A 167 -10.62 -7.85 -0.80
CA LYS A 167 -11.99 -7.37 -0.56
C LYS A 167 -12.21 -6.00 -1.21
N LEU A 168 -11.21 -5.14 -1.14
CA LEU A 168 -11.36 -3.81 -1.72
C LEU A 168 -11.47 -3.89 -3.25
N LEU A 169 -10.69 -4.77 -3.86
CA LEU A 169 -10.69 -4.86 -5.32
C LEU A 169 -11.70 -5.81 -5.94
N THR A 170 -12.46 -6.54 -5.14
CA THR A 170 -13.42 -7.47 -5.71
C THR A 170 -14.72 -7.62 -4.92
N GLY A 171 -14.72 -7.17 -3.67
CA GLY A 171 -15.91 -7.32 -2.85
C GLY A 171 -16.97 -6.29 -3.15
N GLU A 172 -18.16 -6.49 -2.58
CA GLU A 172 -19.25 -5.54 -2.79
C GLU A 172 -19.06 -4.33 -1.87
N LEU A 173 -17.89 -4.25 -1.23
CA LEU A 173 -17.55 -3.16 -0.32
C LEU A 173 -17.69 -1.79 -0.98
N LEU A 174 -17.27 -1.70 -2.23
CA LEU A 174 -17.33 -0.44 -3.00
C LEU A 174 -18.14 -0.66 -4.27
N THR A 175 -18.70 0.41 -4.81
CA THR A 175 -19.40 0.28 -6.07
C THR A 175 -18.34 -0.04 -7.14
N LEU A 176 -18.77 -0.51 -8.30
CA LEU A 176 -17.83 -0.81 -9.36
C LEU A 176 -17.08 0.45 -9.76
N ALA A 177 -17.80 1.58 -9.80
CA ALA A 177 -17.16 2.84 -10.17
C ALA A 177 -16.04 3.14 -9.19
N SER A 178 -16.33 2.95 -7.90
CA SER A 178 -15.30 3.24 -6.89
C SER A 178 -14.17 2.23 -6.90
N ARG A 179 -14.51 0.96 -7.07
CA ARG A 179 -13.50 -0.09 -7.13
C ARG A 179 -12.53 0.27 -8.24
N GLN A 180 -13.07 0.58 -9.41
CA GLN A 180 -12.20 0.88 -10.53
C GLN A 180 -11.39 2.14 -10.32
N GLN A 181 -11.96 3.12 -9.62
CA GLN A 181 -11.21 4.34 -9.37
C GLN A 181 -9.99 4.00 -8.51
N LEU A 182 -10.18 3.15 -7.51
CA LEU A 182 -9.08 2.74 -6.64
C LEU A 182 -8.02 2.02 -7.47
N ILE A 183 -8.48 1.11 -8.33
CA ILE A 183 -7.57 0.37 -9.20
C ILE A 183 -6.84 1.32 -10.14
N ASP A 184 -7.56 2.31 -10.68
CA ASP A 184 -6.92 3.27 -11.58
C ASP A 184 -5.80 4.02 -10.84
N TRP A 185 -6.04 4.41 -9.59
CA TRP A 185 -4.97 5.12 -8.89
C TRP A 185 -3.78 4.19 -8.66
N MET A 186 -4.04 2.92 -8.34
CA MET A 186 -2.96 1.98 -8.09
C MET A 186 -2.18 1.58 -9.36
N GLU A 187 -2.86 1.57 -10.49
CA GLU A 187 -2.18 1.24 -11.73
C GLU A 187 -1.19 2.33 -12.10
N ALA A 188 -1.51 3.57 -11.75
CA ALA A 188 -0.62 4.68 -12.07
C ALA A 188 0.56 4.66 -11.09
N ASP A 189 1.74 5.07 -11.56
CA ASP A 189 2.91 5.01 -10.67
C ASP A 189 4.09 5.87 -11.09
N LYS A 190 4.75 6.48 -10.11
CA LYS A 190 5.92 7.31 -10.34
C LYS A 190 7.02 6.97 -9.33
N VAL A 191 6.77 5.98 -8.47
CA VAL A 191 7.79 5.66 -7.47
C VAL A 191 8.11 4.19 -7.22
N ALA A 192 7.24 3.28 -7.66
CA ALA A 192 7.48 1.86 -7.42
C ALA A 192 8.15 1.13 -8.57
N GLY A 193 8.68 1.89 -9.54
CA GLY A 193 9.32 1.28 -10.68
C GLY A 193 10.39 0.23 -10.38
N PRO A 194 11.27 0.44 -9.39
CA PRO A 194 12.34 -0.51 -9.04
C PRO A 194 11.86 -1.78 -8.34
N LEU A 195 10.56 -1.86 -8.10
CA LEU A 195 10.06 -3.01 -7.36
C LEU A 195 9.45 -4.09 -8.25
N LEU A 196 8.21 -4.50 -7.98
CA LEU A 196 7.64 -5.56 -8.80
C LEU A 196 7.54 -5.19 -10.28
N ARG A 197 7.34 -3.90 -10.59
CA ARG A 197 7.23 -3.48 -11.98
C ARG A 197 8.48 -3.77 -12.79
N SER A 198 9.63 -3.79 -12.14
CA SER A 198 10.86 -4.05 -12.88
C SER A 198 10.94 -5.50 -13.37
N ALA A 199 10.07 -6.36 -12.85
CA ALA A 199 10.03 -7.78 -13.23
C ALA A 199 8.74 -8.15 -13.98
N LEU A 200 7.85 -7.18 -14.18
CA LEU A 200 6.58 -7.44 -14.85
C LEU A 200 6.75 -7.61 -16.36
N PRO A 201 6.22 -8.71 -16.92
CA PRO A 201 6.35 -8.91 -18.38
C PRO A 201 5.45 -7.96 -19.16
N ALA A 202 5.79 -7.73 -20.42
CA ALA A 202 4.97 -6.85 -21.26
C ALA A 202 3.56 -7.44 -21.37
N GLY A 203 2.53 -6.59 -21.30
CA GLY A 203 1.17 -7.09 -21.42
C GLY A 203 0.49 -7.43 -20.12
N TRP A 204 1.28 -7.50 -19.06
CA TRP A 204 0.74 -7.83 -17.75
C TRP A 204 0.18 -6.58 -17.09
N PHE A 205 -0.76 -6.81 -16.19
CA PHE A 205 -1.40 -5.74 -15.44
C PHE A 205 -0.80 -5.66 -14.03
N ILE A 206 -0.71 -4.46 -13.48
CA ILE A 206 -0.29 -4.33 -12.09
C ILE A 206 -0.85 -3.05 -11.48
N ALA A 207 -1.41 -3.17 -10.28
CA ALA A 207 -1.95 -2.04 -9.53
C ALA A 207 -1.17 -2.21 -8.23
N ASP A 208 -0.42 -1.19 -7.82
CA ASP A 208 0.38 -1.40 -6.62
C ASP A 208 0.55 -0.17 -5.75
N LYS A 209 1.15 -0.38 -4.59
CA LYS A 209 1.45 0.71 -3.65
C LYS A 209 2.67 0.27 -2.84
N SER A 210 3.74 1.07 -2.90
CA SER A 210 4.96 0.74 -2.16
C SER A 210 5.05 1.54 -0.85
N GLY A 211 6.07 1.24 -0.06
CA GLY A 211 6.24 1.98 1.18
C GLY A 211 7.68 1.91 1.63
N ALA A 212 8.12 2.95 2.33
CA ALA A 212 9.47 2.97 2.88
C ALA A 212 9.37 3.76 4.17
N GLY A 213 9.91 3.22 5.24
CA GLY A 213 9.85 3.94 6.51
C GLY A 213 11.22 3.98 7.14
N GLU A 214 11.24 4.13 8.46
CA GLU A 214 12.51 4.17 9.17
C GLU A 214 12.99 2.78 9.50
N ARG A 215 14.20 2.69 10.03
CA ARG A 215 14.79 1.43 10.45
C ARG A 215 14.79 0.35 9.38
N GLY A 216 14.95 0.76 8.13
CA GLY A 216 15.04 -0.19 7.02
C GLY A 216 13.73 -0.75 6.49
N SER A 217 12.60 -0.32 7.03
CA SER A 217 11.30 -0.82 6.57
C SER A 217 11.04 -0.50 5.10
N ARG A 218 10.55 -1.50 4.39
CA ARG A 218 10.26 -1.37 2.96
C ARG A 218 9.16 -2.38 2.64
N GLY A 219 8.28 -2.06 1.69
CA GLY A 219 7.24 -3.01 1.35
C GLY A 219 6.46 -2.64 0.11
N ILE A 220 5.60 -3.54 -0.32
CA ILE A 220 4.74 -3.27 -1.46
C ILE A 220 3.55 -4.21 -1.45
N ILE A 221 2.39 -3.70 -1.88
CA ILE A 221 1.21 -4.55 -1.99
C ILE A 221 0.81 -4.42 -3.46
N ALA A 222 0.28 -5.47 -4.07
CA ALA A 222 -0.07 -5.37 -5.47
C ALA A 222 -1.06 -6.43 -5.92
N ALA A 223 -1.78 -6.10 -6.99
CA ALA A 223 -2.71 -7.00 -7.67
C ALA A 223 -2.07 -7.03 -9.07
N LEU A 224 -1.76 -8.22 -9.59
CA LEU A 224 -1.13 -8.29 -10.90
C LEU A 224 -1.55 -9.56 -11.64
N GLY A 225 -1.33 -9.59 -12.94
CA GLY A 225 -1.70 -10.78 -13.67
C GLY A 225 -1.43 -10.59 -15.15
N PRO A 226 -1.39 -11.69 -15.94
CA PRO A 226 -1.16 -11.62 -17.38
C PRO A 226 -2.35 -11.06 -18.14
N ASP A 227 -2.13 -10.75 -19.41
CA ASP A 227 -3.14 -10.25 -20.33
C ASP A 227 -3.99 -9.07 -19.85
N GLY A 228 -3.33 -8.09 -19.26
CA GLY A 228 -4.00 -6.89 -18.80
C GLY A 228 -5.02 -7.01 -17.68
N LYS A 229 -5.06 -8.15 -17.00
CA LYS A 229 -6.02 -8.32 -15.90
C LYS A 229 -5.36 -8.87 -14.66
N PRO A 230 -5.77 -8.40 -13.48
CA PRO A 230 -5.15 -8.93 -12.26
C PRO A 230 -5.75 -10.27 -11.90
N SER A 231 -4.92 -11.18 -11.37
CA SER A 231 -5.41 -12.49 -10.97
C SER A 231 -4.81 -12.97 -9.64
N ARG A 232 -3.81 -12.26 -9.14
CA ARG A 232 -3.21 -12.60 -7.85
C ARG A 232 -2.85 -11.35 -7.09
N ILE A 233 -2.76 -11.47 -5.76
CA ILE A 233 -2.36 -10.36 -4.92
C ILE A 233 -1.02 -10.80 -4.31
N VAL A 234 -0.07 -9.87 -4.28
CA VAL A 234 1.23 -10.14 -3.69
C VAL A 234 1.50 -9.07 -2.65
N VAL A 235 1.95 -9.49 -1.46
CA VAL A 235 2.31 -8.55 -0.40
C VAL A 235 3.69 -8.95 0.09
N ILE A 236 4.57 -7.95 0.17
CA ILE A 236 5.93 -8.15 0.65
C ILE A 236 6.28 -7.03 1.59
N TYR A 237 6.73 -7.36 2.80
CA TYR A 237 7.18 -6.35 3.74
C TYR A 237 8.53 -6.81 4.33
N THR A 238 9.34 -5.84 4.75
CA THR A 238 10.58 -6.17 5.43
C THR A 238 10.85 -5.02 6.40
N THR A 239 11.51 -5.32 7.52
CA THR A 239 11.84 -4.29 8.48
C THR A 239 13.07 -4.78 9.23
N GLY A 240 13.89 -3.84 9.70
CA GLY A 240 15.07 -4.23 10.45
C GLY A 240 16.40 -4.22 9.70
N SER A 241 16.36 -4.18 8.38
CA SER A 241 17.59 -4.19 7.60
C SER A 241 18.36 -2.88 7.64
N GLN A 242 19.69 -3.01 7.50
CA GLN A 242 20.56 -1.85 7.46
C GLN A 242 21.03 -1.68 6.01
N ALA A 243 20.46 -2.49 5.12
CA ALA A 243 20.85 -2.42 3.70
C ALA A 243 20.38 -1.13 3.03
N THR A 244 21.02 -0.76 1.94
CA THR A 244 20.63 0.46 1.23
C THR A 244 19.27 0.26 0.57
N MET A 245 18.65 1.35 0.16
CA MET A 245 17.34 1.28 -0.50
C MET A 245 17.51 0.50 -1.81
N ASP A 246 18.61 0.70 -2.52
CA ASP A 246 18.80 -0.03 -3.77
C ASP A 246 18.84 -1.55 -3.50
N GLU A 247 19.50 -1.95 -2.42
CA GLU A 247 19.60 -3.36 -2.09
C GLU A 247 18.26 -3.96 -1.73
N ARG A 248 17.47 -3.21 -0.96
CA ARG A 248 16.16 -3.66 -0.57
C ARG A 248 15.25 -3.73 -1.79
N ASN A 249 15.33 -2.73 -2.68
CA ASN A 249 14.51 -2.72 -3.91
C ASN A 249 14.85 -3.95 -4.77
N ARG A 250 16.14 -4.22 -4.93
CA ARG A 250 16.56 -5.36 -5.76
C ARG A 250 16.02 -6.69 -5.23
N GLN A 251 16.03 -6.86 -3.92
CA GLN A 251 15.51 -8.10 -3.34
C GLN A 251 14.00 -8.23 -3.65
N ILE A 252 13.26 -7.15 -3.52
CA ILE A 252 11.83 -7.20 -3.80
C ILE A 252 11.64 -7.48 -5.31
N ALA A 253 12.46 -6.87 -6.15
CA ALA A 253 12.34 -7.11 -7.59
C ALA A 253 12.66 -8.57 -7.92
N GLU A 254 13.64 -9.16 -7.23
CA GLU A 254 14.01 -10.55 -7.47
C GLU A 254 12.94 -11.51 -6.96
N ILE A 255 12.25 -11.12 -5.89
CA ILE A 255 11.18 -11.99 -5.41
C ILE A 255 10.10 -11.93 -6.49
N GLY A 256 9.87 -10.74 -7.03
CA GLY A 256 8.88 -10.60 -8.10
C GLY A 256 9.30 -11.41 -9.33
N ALA A 257 10.58 -11.34 -9.72
CA ALA A 257 11.04 -12.08 -10.88
C ALA A 257 10.75 -13.58 -10.70
N SER A 258 10.91 -14.07 -9.48
CA SER A 258 10.65 -15.49 -9.22
C SER A 258 9.17 -15.86 -9.27
N LEU A 259 8.30 -15.07 -8.67
CA LEU A 259 6.89 -15.43 -8.68
C LEU A 259 6.28 -15.35 -10.08
N ILE A 260 6.85 -14.49 -10.91
CA ILE A 260 6.39 -14.32 -12.29
C ILE A 260 6.84 -15.55 -13.09
N LYS A 261 8.12 -15.92 -12.94
CA LYS A 261 8.67 -17.09 -13.64
C LYS A 261 7.89 -18.36 -13.34
N HIS A 262 7.52 -18.55 -12.07
CA HIS A 262 6.80 -19.74 -11.65
C HIS A 262 5.29 -19.60 -11.62
N TRP A 263 4.77 -18.55 -12.26
CA TRP A 263 3.32 -18.30 -12.29
C TRP A 263 2.55 -19.52 -12.80
K K B . 0.73 2.73 -7.91
K K C . 1.82 -23.50 -0.67
K K D . 6.34 -2.26 -8.36
K K E . -3.44 28.00 1.19
K K F . 3.27 -16.37 10.61
C7 IM2 G . 5.45 5.82 2.61
C2 IM2 G . 8.62 7.02 0.05
C6 IM2 G . 6.38 7.02 2.59
C5 IM2 G . 6.59 7.47 1.15
C3 IM2 G . 7.73 6.10 -0.34
O7 IM2 G . 5.88 4.72 2.91
C61 IM2 G . 5.97 8.17 3.55
O62 IM2 G . 4.65 8.63 3.19
C62 IM2 G . 6.84 9.43 3.54
N4 IM2 G . 6.46 6.40 0.15
C31 IM2 G . 8.02 4.91 -1.20
O31 IM2 G . 9.12 4.78 -1.95
O32 IM2 G . 7.22 3.99 -1.24
S21 IM2 G . 10.38 7.03 -0.32
C22 IM2 G . 10.40 8.63 -1.22
C23 IM2 G . 10.13 8.43 -2.75
N24 IM2 G . 9.86 7.03 -3.11
C25 IM2 G . 10.46 6.52 -4.24
N26 IM2 G . 11.12 7.20 -5.15
C1 IM2 G . 7.97 8.11 0.86
#